data_2EZ6
#
_entry.id   2EZ6
#
_cell.length_a   63.839
_cell.length_b   50.976
_cell.length_c   113.746
_cell.angle_alpha   90.00
_cell.angle_beta   104.47
_cell.angle_gamma   90.00
#
_symmetry.space_group_name_H-M   'P 1 21 1'
#
loop_
_entity.id
_entity.type
_entity.pdbx_description
1 polymer 28-MER
2 polymer 'Ribonuclease III'
3 non-polymer 'MAGNESIUM ION'
4 water water
#
loop_
_entity_poly.entity_id
_entity_poly.type
_entity_poly.pdbx_seq_one_letter_code
_entity_poly.pdbx_strand_id
1 'polyribonucleotide' AAAGGUCAUUCGCAAGAGUGGCCUUUAU C,D
2 'polypeptide(L)'
;MKMLEQLEKKLGYTFKDKSLLEKALTHVSYSKKEHYETLEFLGNALVNFFIVDLLVQYSPNKREGFLSPLKAYLISEEFF
NLLAQKLELHKFIRIKRGKINETIIGDVFEALWAAVYIDSGRDANFTRELFYKLFKEDILSAIKEGRVKKDYKTILQEIT
QKRWKERPEYRLISVEGPHHKKKFIVEAKIKEYRTLGEGKSKKEAEQRAAEELIKLLEESE
;
A,B
#
loop_
_chem_comp.id
_chem_comp.type
_chem_comp.name
_chem_comp.formula
A RNA linking ADENOSINE-5'-MONOPHOSPHATE 'C10 H14 N5 O7 P'
C RNA linking CYTIDINE-5'-MONOPHOSPHATE 'C9 H14 N3 O8 P'
G RNA linking GUANOSINE-5'-MONOPHOSPHATE 'C10 H14 N5 O8 P'
MG non-polymer 'MAGNESIUM ION' 'Mg 2'
U RNA linking URIDINE-5'-MONOPHOSPHATE 'C9 H13 N2 O9 P'
#
# COMPACT_ATOMS: atom_id res chain seq x y z
N MET C 3 1.34 18.83 30.90
CA MET C 3 0.60 18.82 29.60
C MET C 3 0.56 17.41 29.03
N LEU C 4 1.72 16.75 28.99
CA LEU C 4 1.80 15.38 28.48
C LEU C 4 0.88 14.48 29.28
N GLU C 5 0.80 14.73 30.59
CA GLU C 5 -0.06 13.94 31.47
C GLU C 5 -1.50 13.99 30.99
N GLN C 6 -1.90 15.10 30.38
CA GLN C 6 -3.26 15.23 29.88
C GLN C 6 -3.51 14.30 28.69
N LEU C 7 -2.50 14.17 27.83
CA LEU C 7 -2.67 13.30 26.68
C LEU C 7 -2.64 11.84 27.10
N GLU C 8 -1.83 11.54 28.11
CA GLU C 8 -1.72 10.17 28.61
C GLU C 8 -3.07 9.77 29.19
N LYS C 9 -3.75 10.71 29.83
CA LYS C 9 -5.05 10.41 30.40
C LYS C 9 -6.05 10.11 29.28
N LYS C 10 -5.99 10.88 28.19
CA LYS C 10 -6.90 10.65 27.07
C LYS C 10 -6.59 9.29 26.44
N LEU C 11 -5.30 9.01 26.29
CA LEU C 11 -4.85 7.76 25.70
C LEU C 11 -5.18 6.60 26.63
N GLY C 12 -5.09 6.86 27.94
CA GLY C 12 -5.35 5.83 28.92
C GLY C 12 -4.07 5.03 29.11
N TYR C 13 -2.91 5.67 28.96
CA TYR C 13 -1.64 4.98 29.12
C TYR C 13 -0.52 5.93 29.51
N THR C 14 0.23 5.56 30.55
CA THR C 14 1.34 6.36 31.05
C THR C 14 2.68 5.85 30.53
N PHE C 15 3.42 6.75 29.89
CA PHE C 15 4.71 6.39 29.32
C PHE C 15 5.83 6.25 30.33
N LYS C 16 6.73 5.34 30.05
CA LYS C 16 7.90 5.13 30.90
C LYS C 16 8.97 6.09 30.38
N ASP C 17 9.07 6.17 29.05
CA ASP C 17 10.03 7.05 28.39
C ASP C 17 9.27 8.21 27.75
N LYS C 18 9.23 9.34 28.46
CA LYS C 18 8.52 10.53 27.99
C LYS C 18 9.06 11.11 26.69
N SER C 19 10.36 11.00 26.49
CA SER C 19 10.97 11.52 25.28
C SER C 19 10.39 10.80 24.07
N LEU C 20 9.94 9.56 24.27
CA LEU C 20 9.35 8.80 23.19
C LEU C 20 7.99 9.40 22.83
N LEU C 21 7.18 9.68 23.86
CA LEU C 21 5.88 10.28 23.61
C LEU C 21 6.09 11.65 22.93
N GLU C 22 7.09 12.38 23.42
CA GLU C 22 7.41 13.70 22.87
C GLU C 22 7.79 13.59 21.40
N LYS C 23 8.68 12.64 21.09
CA LYS C 23 9.13 12.47 19.72
C LYS C 23 7.95 12.25 18.77
N ALA C 24 6.95 11.49 19.21
CA ALA C 24 5.78 11.22 18.37
C ALA C 24 5.00 12.49 18.07
N LEU C 25 5.08 13.44 18.99
CA LEU C 25 4.37 14.71 18.86
C LEU C 25 5.18 15.78 18.16
N THR C 26 6.45 15.48 17.88
CA THR C 26 7.36 16.45 17.29
C THR C 26 7.64 16.39 15.79
N HIS C 27 7.32 17.49 15.12
CA HIS C 27 7.52 17.61 13.68
C HIS C 27 8.98 18.02 13.47
N VAL C 28 9.54 17.62 12.33
CA VAL C 28 10.94 17.91 12.03
C VAL C 28 11.31 19.40 12.08
N SER C 29 10.33 20.27 11.84
CA SER C 29 10.57 21.71 11.85
C SER C 29 10.97 22.21 13.24
N TYR C 30 10.45 21.55 14.27
CA TYR C 30 10.73 21.90 15.67
C TYR C 30 12.00 21.24 16.19
N SER C 31 12.28 20.03 15.71
CA SER C 31 13.46 19.30 16.14
C SER C 31 14.01 18.47 14.99
N LYS C 32 15.16 18.86 14.47
CA LYS C 32 15.76 18.16 13.35
C LYS C 32 16.26 16.77 13.70
N LYS C 33 16.56 16.54 14.98
CA LYS C 33 17.07 15.24 15.38
C LYS C 33 16.05 14.25 15.97
N GLU C 34 15.08 14.75 16.73
CA GLU C 34 14.08 13.84 17.31
C GLU C 34 12.67 14.22 16.86
N HIS C 35 12.23 13.67 15.74
CA HIS C 35 10.88 13.94 15.26
C HIS C 35 10.15 12.64 14.93
N TYR C 36 8.86 12.74 14.61
CA TYR C 36 8.01 11.54 14.41
C TYR C 36 8.07 10.77 13.07
N GLU C 37 8.96 11.11 12.16
CA GLU C 37 8.96 10.43 10.84
C GLU C 37 9.04 8.90 10.92
N THR C 38 10.00 8.35 11.64
CA THR C 38 10.16 6.91 11.69
C THR C 38 9.04 6.21 12.43
N LEU C 39 8.59 6.83 13.51
CA LEU C 39 7.50 6.29 14.30
C LEU C 39 6.28 6.21 13.40
N GLU C 40 6.08 7.23 12.56
CA GLU C 40 4.94 7.25 11.67
C GLU C 40 4.97 6.05 10.74
N PHE C 41 6.17 5.74 10.23
CA PHE C 41 6.35 4.60 9.34
C PHE C 41 5.79 3.34 10.03
N LEU C 42 6.28 3.09 11.24
CA LEU C 42 5.84 1.93 12.02
C LEU C 42 4.36 2.00 12.43
N GLY C 43 3.90 3.17 12.87
CA GLY C 43 2.50 3.31 13.29
C GLY C 43 1.53 2.97 12.18
N ASN C 44 1.88 3.39 10.97
CA ASN C 44 1.03 3.11 9.82
C ASN C 44 0.85 1.59 9.69
N ALA C 45 1.94 0.84 9.81
CA ALA C 45 1.87 -0.62 9.69
C ALA C 45 1.07 -1.22 10.84
N LEU C 46 1.32 -0.73 12.05
CA LEU C 46 0.64 -1.24 13.22
C LEU C 46 -0.88 -1.00 13.16
N VAL C 47 -1.27 0.25 12.92
CA VAL C 47 -2.69 0.60 12.83
C VAL C 47 -3.38 -0.10 11.68
N ASN C 48 -2.68 -0.23 10.56
CA ASN C 48 -3.22 -0.93 9.39
C ASN C 48 -3.67 -2.31 9.82
N PHE C 49 -2.83 -2.95 10.64
CA PHE C 49 -3.14 -4.27 11.14
C PHE C 49 -4.33 -4.23 12.09
N PHE C 50 -4.38 -3.24 12.98
CA PHE C 50 -5.53 -3.15 13.90
C PHE C 50 -6.81 -3.04 13.10
N ILE C 51 -6.82 -2.10 12.15
CA ILE C 51 -7.99 -1.87 11.30
C ILE C 51 -8.40 -3.11 10.52
N VAL C 52 -7.45 -3.71 9.83
CA VAL C 52 -7.74 -4.89 9.04
C VAL C 52 -8.34 -6.05 9.84
N ASP C 53 -7.83 -6.27 11.04
CA ASP C 53 -8.30 -7.37 11.88
C ASP C 53 -9.77 -7.17 12.21
N LEU C 54 -10.13 -5.94 12.54
CA LEU C 54 -11.51 -5.60 12.87
C LEU C 54 -12.35 -5.76 11.60
N LEU C 55 -11.80 -5.30 10.48
CA LEU C 55 -12.51 -5.35 9.22
C LEU C 55 -12.86 -6.76 8.76
N VAL C 56 -11.93 -7.71 8.91
CA VAL C 56 -12.22 -9.08 8.48
C VAL C 56 -13.20 -9.77 9.40
N GLN C 57 -13.34 -9.26 10.62
CA GLN C 57 -14.26 -9.89 11.56
C GLN C 57 -15.67 -9.32 11.50
N TYR C 58 -15.78 -8.02 11.24
CA TYR C 58 -17.07 -7.37 11.24
C TYR C 58 -17.65 -6.87 9.93
N SER C 59 -16.92 -6.97 8.83
CA SER C 59 -17.45 -6.48 7.57
C SER C 59 -18.70 -7.21 7.08
N PRO C 60 -19.67 -6.45 6.53
CA PRO C 60 -20.92 -7.04 6.04
C PRO C 60 -20.63 -7.92 4.83
N ASN C 61 -19.67 -7.46 4.02
CA ASN C 61 -19.25 -8.11 2.78
C ASN C 61 -17.78 -8.50 2.91
N LYS C 62 -17.42 -9.71 2.51
CA LYS C 62 -16.02 -10.16 2.59
C LYS C 62 -15.33 -10.15 1.22
N ARG C 63 -16.03 -9.66 0.20
CA ARG C 63 -15.47 -9.62 -1.14
C ARG C 63 -14.28 -8.64 -1.23
N GLU C 64 -13.26 -9.02 -1.99
CA GLU C 64 -12.06 -8.20 -2.17
C GLU C 64 -12.40 -6.81 -2.66
N GLY C 65 -13.33 -6.75 -3.61
CA GLY C 65 -13.76 -5.49 -4.19
C GLY C 65 -14.48 -4.58 -3.22
N PHE C 66 -14.88 -5.12 -2.07
CA PHE C 66 -15.57 -4.33 -1.07
C PHE C 66 -14.58 -3.97 0.05
N LEU C 67 -13.91 -5.00 0.57
CA LEU C 67 -12.93 -4.84 1.63
C LEU C 67 -11.80 -3.87 1.29
N SER C 68 -11.26 -3.96 0.07
CA SER C 68 -10.17 -3.09 -0.34
C SER C 68 -10.52 -1.60 -0.30
N PRO C 69 -11.55 -1.19 -1.05
CA PRO C 69 -11.89 0.24 -1.04
C PRO C 69 -12.17 0.72 0.38
N LEU C 70 -12.93 -0.07 1.13
CA LEU C 70 -13.28 0.28 2.50
C LEU C 70 -12.06 0.37 3.42
N LYS C 71 -11.09 -0.52 3.23
CA LYS C 71 -9.91 -0.49 4.08
C LYS C 71 -9.15 0.79 3.83
N ALA C 72 -9.08 1.16 2.55
CA ALA C 72 -8.40 2.37 2.11
C ALA C 72 -8.93 3.57 2.86
N TYR C 73 -10.26 3.67 2.96
CA TYR C 73 -10.84 4.78 3.68
C TYR C 73 -10.57 4.68 5.18
N LEU C 74 -10.59 3.46 5.71
CA LEU C 74 -10.37 3.28 7.14
C LEU C 74 -8.96 3.60 7.63
N ILE C 75 -7.99 3.70 6.73
CA ILE C 75 -6.63 4.06 7.15
C ILE C 75 -6.25 5.36 6.48
N SER C 76 -7.25 6.07 5.97
CA SER C 76 -6.97 7.33 5.30
C SER C 76 -6.77 8.45 6.30
N GLU C 77 -6.07 9.48 5.84
CA GLU C 77 -5.80 10.66 6.65
C GLU C 77 -7.14 11.22 7.17
N GLU C 78 -8.12 11.28 6.29
CA GLU C 78 -9.45 11.77 6.63
C GLU C 78 -10.00 11.07 7.88
N PHE C 79 -10.01 9.75 7.85
CA PHE C 79 -10.53 8.96 8.96
C PHE C 79 -9.71 9.10 10.25
N PHE C 80 -8.40 9.13 10.12
CA PHE C 80 -7.55 9.28 11.28
C PHE C 80 -7.79 10.62 11.96
N ASN C 81 -8.04 11.65 11.16
CA ASN C 81 -8.31 12.96 11.76
C ASN C 81 -9.63 12.82 12.54
N LEU C 82 -10.55 12.03 12.01
CA LEU C 82 -11.82 11.80 12.69
C LEU C 82 -11.56 11.15 14.05
N LEU C 83 -10.80 10.06 14.07
CA LEU C 83 -10.51 9.35 15.31
C LEU C 83 -9.65 10.17 16.27
N ALA C 84 -8.77 10.98 15.71
CA ALA C 84 -7.86 11.80 16.50
C ALA C 84 -8.54 13.00 17.20
N GLN C 85 -9.71 13.42 16.72
CA GLN C 85 -10.40 14.57 17.32
C GLN C 85 -10.46 14.42 18.83
N LYS C 86 -11.04 13.31 19.26
CA LYS C 86 -11.17 12.96 20.67
C LYS C 86 -9.87 13.21 21.44
N LEU C 87 -8.74 13.02 20.79
CA LEU C 87 -7.44 13.20 21.44
C LEU C 87 -6.96 14.65 21.53
N GLU C 88 -7.53 15.54 20.72
CA GLU C 88 -7.13 16.93 20.72
C GLU C 88 -5.61 17.06 20.52
N LEU C 89 -5.06 16.29 19.59
CA LEU C 89 -3.62 16.31 19.32
C LEU C 89 -3.11 17.69 18.91
N HIS C 90 -4.01 18.51 18.35
CA HIS C 90 -3.63 19.85 17.92
C HIS C 90 -3.01 20.63 19.07
N LYS C 91 -3.47 20.38 20.30
CA LYS C 91 -2.92 21.10 21.43
C LYS C 91 -1.65 20.49 22.02
N PHE C 92 -1.19 19.38 21.46
CA PHE C 92 0.00 18.70 21.96
C PHE C 92 1.17 18.64 20.95
N ILE C 93 0.84 18.78 19.67
CA ILE C 93 1.85 18.72 18.61
C ILE C 93 2.82 19.90 18.62
N ARG C 94 4.12 19.60 18.47
CA ARG C 94 5.16 20.62 18.46
C ARG C 94 5.65 20.86 17.04
N ILE C 95 5.56 22.10 16.56
CA ILE C 95 6.00 22.42 15.22
C ILE C 95 6.36 23.91 15.07
N LYS C 96 7.20 24.23 14.09
CA LYS C 96 7.63 25.61 13.83
C LYS C 96 7.14 26.11 12.47
N ARG C 97 7.73 25.57 11.41
CA ARG C 97 7.40 25.95 10.04
C ARG C 97 6.02 25.53 9.55
N GLY C 98 5.01 26.32 9.90
CA GLY C 98 3.66 26.02 9.47
C GLY C 98 2.61 25.92 10.56
N LYS C 99 1.49 25.29 10.21
CA LYS C 99 0.38 25.11 11.13
C LYS C 99 -0.04 23.65 11.12
N ILE C 100 -0.60 23.18 12.23
CA ILE C 100 -1.03 21.80 12.36
C ILE C 100 -2.21 21.46 11.45
N ASN C 101 -1.92 20.95 10.25
CA ASN C 101 -2.99 20.59 9.33
C ASN C 101 -3.37 19.12 9.45
N GLU C 102 -4.33 18.67 8.64
CA GLU C 102 -4.78 17.29 8.70
C GLU C 102 -3.70 16.25 8.35
N THR C 103 -2.71 16.63 7.55
CA THR C 103 -1.65 15.71 7.19
C THR C 103 -0.73 15.51 8.40
N ILE C 104 -0.58 16.57 9.19
CA ILE C 104 0.25 16.50 10.38
C ILE C 104 -0.46 15.62 11.42
N ILE C 105 -1.72 15.96 11.70
CA ILE C 105 -2.53 15.22 12.66
C ILE C 105 -2.56 13.73 12.34
N GLY C 106 -2.78 13.41 11.07
CA GLY C 106 -2.82 12.02 10.66
C GLY C 106 -1.49 11.30 10.89
N ASP C 107 -0.38 12.00 10.65
CA ASP C 107 0.93 11.38 10.85
C ASP C 107 1.28 11.23 12.31
N VAL C 108 0.86 12.18 13.14
CA VAL C 108 1.13 12.12 14.57
C VAL C 108 0.27 11.03 15.19
N PHE C 109 -0.95 10.86 14.68
CA PHE C 109 -1.82 9.82 15.19
C PHE C 109 -1.09 8.48 15.02
N GLU C 110 -0.58 8.23 13.80
CA GLU C 110 0.15 6.99 13.54
C GLU C 110 1.37 6.85 14.43
N ALA C 111 2.19 7.89 14.49
CA ALA C 111 3.43 7.87 15.29
C ALA C 111 3.17 7.58 16.77
N LEU C 112 2.08 8.15 17.27
CA LEU C 112 1.67 7.99 18.65
C LEU C 112 1.45 6.52 19.00
N TRP C 113 0.75 5.81 18.12
CA TRP C 113 0.50 4.39 18.36
C TRP C 113 1.78 3.59 18.26
N ALA C 114 2.71 4.04 17.42
CA ALA C 114 3.99 3.37 17.30
C ALA C 114 4.73 3.59 18.64
N ALA C 115 4.59 4.81 19.18
CA ALA C 115 5.24 5.17 20.44
C ALA C 115 4.71 4.30 21.56
N VAL C 116 3.38 4.20 21.65
CA VAL C 116 2.77 3.38 22.68
C VAL C 116 3.27 1.95 22.52
N TYR C 117 3.26 1.45 21.28
CA TYR C 117 3.73 0.10 21.02
C TYR C 117 5.15 -0.13 21.55
N ILE C 118 6.08 0.75 21.17
CA ILE C 118 7.47 0.62 21.62
C ILE C 118 7.67 0.81 23.12
N ASP C 119 7.04 1.84 23.69
CA ASP C 119 7.18 2.11 25.12
C ASP C 119 6.64 1.00 26.01
N SER C 120 5.64 0.28 25.52
CA SER C 120 5.05 -0.81 26.27
C SER C 120 5.92 -2.06 26.10
N GLY C 121 7.08 -1.90 25.48
CA GLY C 121 7.99 -3.02 25.28
C GLY C 121 7.58 -3.87 24.09
N ARG C 122 7.04 -3.22 23.07
CA ARG C 122 6.58 -3.89 21.85
C ARG C 122 5.51 -4.94 22.12
N ASP C 123 4.53 -4.54 22.93
CA ASP C 123 3.40 -5.39 23.28
C ASP C 123 2.29 -5.11 22.28
N ALA C 124 2.20 -5.94 21.23
CA ALA C 124 1.18 -5.72 20.21
C ALA C 124 -0.25 -5.94 20.71
N ASN C 125 -0.47 -6.98 21.52
CA ASN C 125 -1.81 -7.26 22.02
C ASN C 125 -2.31 -6.09 22.86
N PHE C 126 -1.45 -5.62 23.75
CA PHE C 126 -1.82 -4.51 24.62
C PHE C 126 -2.20 -3.28 23.81
N THR C 127 -1.31 -2.86 22.92
CA THR C 127 -1.56 -1.68 22.10
C THR C 127 -2.84 -1.81 21.28
N ARG C 128 -3.08 -2.99 20.74
CA ARG C 128 -4.28 -3.25 19.95
C ARG C 128 -5.53 -2.99 20.81
N GLU C 129 -5.53 -3.53 22.02
CA GLU C 129 -6.68 -3.38 22.91
C GLU C 129 -6.88 -1.94 23.36
N LEU C 130 -5.78 -1.23 23.59
CA LEU C 130 -5.85 0.16 23.98
C LEU C 130 -6.49 0.91 22.79
N PHE C 131 -6.01 0.58 21.60
CA PHE C 131 -6.54 1.21 20.38
C PHE C 131 -8.03 0.98 20.29
N TYR C 132 -8.44 -0.29 20.40
CA TYR C 132 -9.84 -0.64 20.31
C TYR C 132 -10.66 0.02 21.40
N LYS C 133 -10.11 0.06 22.62
CA LYS C 133 -10.83 0.66 23.74
C LYS C 133 -11.29 2.06 23.34
N LEU C 134 -10.45 2.76 22.60
CA LEU C 134 -10.76 4.12 22.15
C LEU C 134 -11.53 4.21 20.85
N PHE C 135 -11.21 3.37 19.88
CA PHE C 135 -11.84 3.47 18.57
C PHE C 135 -12.62 2.30 17.96
N LYS C 136 -12.71 1.17 18.66
CA LYS C 136 -13.45 0.05 18.08
C LYS C 136 -14.87 0.44 17.67
N GLU C 137 -15.55 1.20 18.53
CA GLU C 137 -16.90 1.64 18.26
C GLU C 137 -17.01 2.44 16.96
N ASP C 138 -16.16 3.47 16.82
CA ASP C 138 -16.17 4.30 15.62
C ASP C 138 -15.88 3.50 14.36
N ILE C 139 -14.94 2.57 14.46
CA ILE C 139 -14.58 1.76 13.31
C ILE C 139 -15.72 0.84 12.88
N LEU C 140 -16.31 0.14 13.85
CA LEU C 140 -17.42 -0.77 13.54
C LEU C 140 -18.55 0.00 12.90
N SER C 141 -18.77 1.23 13.38
CA SER C 141 -19.82 2.06 12.87
C SER C 141 -19.56 2.39 11.40
N ALA C 142 -18.33 2.84 11.10
CA ALA C 142 -17.96 3.19 9.74
C ALA C 142 -18.03 1.95 8.85
N ILE C 143 -17.68 0.80 9.42
CA ILE C 143 -17.73 -0.46 8.66
C ILE C 143 -19.17 -0.83 8.34
N LYS C 144 -20.07 -0.56 9.30
CA LYS C 144 -21.47 -0.86 9.11
C LYS C 144 -22.05 -0.01 7.98
N GLU C 145 -21.62 1.24 7.88
CA GLU C 145 -22.07 2.16 6.82
C GLU C 145 -21.23 1.92 5.58
N GLY C 146 -20.19 1.11 5.74
CA GLY C 146 -19.28 0.82 4.63
C GLY C 146 -19.93 0.78 3.27
N ARG C 147 -19.37 1.54 2.34
CA ARG C 147 -19.90 1.58 0.99
C ARG C 147 -18.82 2.03 0.01
N VAL C 148 -18.68 1.31 -1.09
CA VAL C 148 -17.68 1.67 -2.08
C VAL C 148 -18.23 2.83 -2.93
N LYS C 149 -17.47 3.92 -2.99
CA LYS C 149 -17.87 5.07 -3.79
C LYS C 149 -16.98 5.11 -5.03
N LYS C 150 -17.53 4.85 -6.20
CA LYS C 150 -16.70 4.89 -7.40
C LYS C 150 -16.57 6.31 -7.92
N ASP C 151 -15.40 6.63 -8.48
CA ASP C 151 -15.18 7.96 -9.04
C ASP C 151 -15.72 7.97 -10.47
N TYR C 152 -15.97 9.16 -11.00
CA TYR C 152 -16.52 9.31 -12.33
C TYR C 152 -15.71 8.69 -13.47
N LYS C 153 -14.38 8.87 -13.47
CA LYS C 153 -13.57 8.28 -14.54
C LYS C 153 -13.71 6.77 -14.57
N THR C 154 -13.72 6.15 -13.39
CA THR C 154 -13.89 4.71 -13.30
C THR C 154 -15.26 4.32 -13.86
N ILE C 155 -16.31 4.99 -13.37
CA ILE C 155 -17.66 4.71 -13.84
C ILE C 155 -17.80 4.91 -15.34
N LEU C 156 -17.18 5.97 -15.87
CA LEU C 156 -17.29 6.22 -17.30
C LEU C 156 -16.73 5.10 -18.14
N GLN C 157 -15.49 4.66 -17.86
CA GLN C 157 -14.91 3.61 -18.69
C GLN C 157 -15.60 2.26 -18.52
N GLU C 158 -16.24 2.05 -17.38
CA GLU C 158 -16.94 0.79 -17.18
C GLU C 158 -18.22 0.85 -18.01
N ILE C 159 -18.76 2.04 -18.17
CA ILE C 159 -19.93 2.23 -18.98
C ILE C 159 -19.56 2.07 -20.46
N THR C 160 -18.52 2.76 -20.90
CA THR C 160 -18.10 2.68 -22.30
C THR C 160 -17.52 1.31 -22.67
N GLN C 161 -16.92 0.63 -21.70
CA GLN C 161 -16.36 -0.69 -21.96
C GLN C 161 -17.44 -1.76 -22.04
N LYS C 162 -18.53 -1.57 -21.30
CA LYS C 162 -19.63 -2.53 -21.32
C LYS C 162 -20.36 -2.38 -22.66
N ARG C 163 -20.66 -1.13 -22.99
CA ARG C 163 -21.36 -0.81 -24.22
C ARG C 163 -20.56 -0.96 -25.50
N TRP C 164 -19.35 -0.42 -25.53
CA TRP C 164 -18.57 -0.47 -26.75
C TRP C 164 -17.24 -1.19 -26.72
N LYS C 165 -16.85 -1.68 -25.54
CA LYS C 165 -15.57 -2.39 -25.39
C LYS C 165 -14.40 -1.42 -25.64
N GLU C 166 -14.65 -0.13 -25.40
CA GLU C 166 -13.62 0.89 -25.61
C GLU C 166 -13.60 1.86 -24.43
N ARG C 167 -12.45 2.49 -24.23
CA ARG C 167 -12.28 3.44 -23.15
C ARG C 167 -12.27 4.88 -23.63
N PRO C 168 -12.73 5.82 -22.80
CA PRO C 168 -12.74 7.23 -23.18
C PRO C 168 -11.31 7.77 -23.24
N GLU C 169 -11.15 8.93 -23.85
CA GLU C 169 -9.84 9.55 -23.96
C GLU C 169 -9.89 10.99 -23.50
N TYR C 170 -8.79 11.43 -22.92
CA TYR C 170 -8.68 12.79 -22.39
C TYR C 170 -7.53 13.51 -23.06
N ARG C 171 -7.61 14.83 -23.08
CA ARG C 171 -6.53 15.64 -23.59
C ARG C 171 -6.74 16.99 -22.94
N LEU C 172 -5.64 17.71 -22.75
CA LEU C 172 -5.68 19.02 -22.15
C LEU C 172 -6.07 20.06 -23.22
N ILE C 173 -6.98 20.96 -22.88
CA ILE C 173 -7.41 22.00 -23.80
C ILE C 173 -6.60 23.28 -23.53
N SER C 174 -6.54 23.70 -22.26
CA SER C 174 -5.78 24.88 -21.89
C SER C 174 -5.39 24.87 -20.42
N VAL C 175 -4.39 25.68 -20.07
CA VAL C 175 -3.90 25.80 -18.69
C VAL C 175 -3.74 27.30 -18.40
N GLU C 176 -4.39 27.78 -17.35
CA GLU C 176 -4.34 29.20 -16.98
C GLU C 176 -3.76 29.43 -15.60
N GLY C 177 -3.45 30.68 -15.29
CA GLY C 177 -2.93 31.07 -13.99
C GLY C 177 -1.46 30.84 -13.72
N PRO C 178 -0.99 31.23 -12.51
CA PRO C 178 0.40 31.09 -12.07
C PRO C 178 0.73 29.62 -11.86
N HIS C 179 2.02 29.31 -11.77
CA HIS C 179 2.47 27.94 -11.56
C HIS C 179 1.99 27.30 -10.25
N HIS C 180 1.82 28.13 -9.21
CA HIS C 180 1.38 27.63 -7.91
C HIS C 180 -0.13 27.66 -7.74
N LYS C 181 -0.84 27.90 -8.84
CA LYS C 181 -2.29 27.94 -8.81
C LYS C 181 -2.82 27.94 -10.25
N LYS C 182 -2.75 26.78 -10.88
CA LYS C 182 -3.18 26.62 -12.26
C LYS C 182 -4.62 26.19 -12.42
N LYS C 183 -5.17 26.47 -13.60
CA LYS C 183 -6.53 26.10 -13.94
C LYS C 183 -6.42 25.27 -15.21
N PHE C 184 -6.92 24.05 -15.17
CA PHE C 184 -6.86 23.18 -16.33
C PHE C 184 -8.23 22.93 -16.93
N ILE C 185 -8.27 22.92 -18.26
CA ILE C 185 -9.51 22.60 -18.96
C ILE C 185 -9.15 21.40 -19.81
N VAL C 186 -9.84 20.30 -19.55
CA VAL C 186 -9.59 19.05 -20.25
C VAL C 186 -10.81 18.61 -21.03
N GLU C 187 -10.58 17.77 -22.03
CA GLU C 187 -11.67 17.27 -22.85
C GLU C 187 -11.79 15.74 -22.71
N ALA C 188 -13.01 15.26 -22.54
CA ALA C 188 -13.26 13.83 -22.42
C ALA C 188 -14.05 13.44 -23.66
N LYS C 189 -13.75 12.27 -24.21
CA LYS C 189 -14.44 11.81 -25.40
C LYS C 189 -14.60 10.30 -25.48
N ILE C 190 -15.63 9.89 -26.21
CA ILE C 190 -15.94 8.49 -26.47
C ILE C 190 -16.82 8.53 -27.72
N LYS C 191 -16.43 7.75 -28.72
CA LYS C 191 -17.14 7.74 -29.99
C LYS C 191 -17.19 9.20 -30.47
N GLU C 192 -18.37 9.70 -30.78
CA GLU C 192 -18.49 11.08 -31.27
C GLU C 192 -18.87 12.07 -30.18
N TYR C 193 -18.87 11.63 -28.93
CA TYR C 193 -19.22 12.49 -27.80
C TYR C 193 -18.01 13.09 -27.12
N ARG C 194 -18.06 14.39 -26.86
CA ARG C 194 -16.97 15.08 -26.19
C ARG C 194 -17.51 16.10 -25.19
N THR C 195 -16.83 16.21 -24.05
CA THR C 195 -17.23 17.14 -23.01
C THR C 195 -16.00 17.82 -22.43
N LEU C 196 -16.20 18.96 -21.78
CA LEU C 196 -15.09 19.67 -21.16
C LEU C 196 -15.26 19.67 -19.64
N GLY C 197 -14.14 19.83 -18.94
CA GLY C 197 -14.16 19.88 -17.49
C GLY C 197 -12.96 20.72 -17.06
N GLU C 198 -13.07 21.42 -15.95
CA GLU C 198 -11.94 22.21 -15.46
C GLU C 198 -11.68 21.93 -13.99
N GLY C 199 -10.43 22.15 -13.57
CA GLY C 199 -10.07 21.91 -12.18
C GLY C 199 -8.67 22.38 -11.84
N LYS C 200 -8.30 22.25 -10.56
CA LYS C 200 -6.99 22.67 -10.09
C LYS C 200 -5.87 21.70 -10.48
N SER C 201 -6.23 20.57 -11.08
CA SER C 201 -5.25 19.59 -11.53
C SER C 201 -5.83 18.86 -12.73
N LYS C 202 -4.98 18.14 -13.46
CA LYS C 202 -5.46 17.42 -14.63
C LYS C 202 -6.53 16.41 -14.23
N LYS C 203 -6.26 15.63 -13.18
CA LYS C 203 -7.20 14.62 -12.72
C LYS C 203 -8.51 15.21 -12.24
N GLU C 204 -8.47 16.31 -11.51
CA GLU C 204 -9.70 16.94 -11.07
C GLU C 204 -10.46 17.36 -12.34
N ALA C 205 -9.75 17.95 -13.30
CA ALA C 205 -10.40 18.38 -14.54
C ALA C 205 -11.02 17.20 -15.28
N GLU C 206 -10.27 16.11 -15.41
CA GLU C 206 -10.78 14.91 -16.10
C GLU C 206 -11.95 14.28 -15.36
N GLN C 207 -11.91 14.32 -14.02
CA GLN C 207 -12.99 13.75 -13.23
C GLN C 207 -14.27 14.53 -13.56
N ARG C 208 -14.13 15.84 -13.56
CA ARG C 208 -15.24 16.73 -13.90
C ARG C 208 -15.73 16.42 -15.33
N ALA C 209 -14.81 16.39 -16.29
CA ALA C 209 -15.17 16.09 -17.69
C ALA C 209 -15.85 14.73 -17.82
N ALA C 210 -15.39 13.74 -17.06
CA ALA C 210 -15.96 12.40 -17.12
C ALA C 210 -17.40 12.46 -16.64
N GLU C 211 -17.65 13.24 -15.59
CA GLU C 211 -18.99 13.37 -15.04
C GLU C 211 -19.94 13.94 -16.09
N GLU C 212 -19.48 14.92 -16.84
CA GLU C 212 -20.30 15.54 -17.88
C GLU C 212 -20.64 14.54 -19.00
N LEU C 213 -19.64 13.80 -19.45
CA LEU C 213 -19.83 12.81 -20.49
C LEU C 213 -20.82 11.74 -20.06
N ILE C 214 -20.81 11.38 -18.79
CA ILE C 214 -21.73 10.37 -18.31
C ILE C 214 -23.15 10.88 -18.54
N LYS C 215 -23.39 12.15 -18.18
CA LYS C 215 -24.70 12.77 -18.37
C LYS C 215 -25.03 12.76 -19.86
N LEU C 216 -24.12 13.32 -20.65
CA LEU C 216 -24.31 13.39 -22.08
C LEU C 216 -24.77 12.04 -22.61
N LEU C 217 -24.17 10.97 -22.11
CA LEU C 217 -24.52 9.63 -22.56
C LEU C 217 -25.93 9.23 -22.10
N GLU C 218 -26.28 9.58 -20.87
CA GLU C 218 -27.61 9.25 -20.35
C GLU C 218 -28.67 9.94 -21.19
N GLU C 219 -28.46 11.21 -21.49
CA GLU C 219 -29.40 11.97 -22.29
C GLU C 219 -29.34 11.43 -23.72
N SER C 220 -28.39 10.53 -23.95
CA SER C 220 -28.17 9.90 -25.25
C SER C 220 -27.69 10.90 -26.30
N MET D 3 0.07 -35.60 7.23
CA MET D 3 0.42 -34.60 6.18
C MET D 3 0.62 -33.21 6.79
N LEU D 4 -0.44 -32.67 7.38
CA LEU D 4 -0.40 -31.35 8.02
C LEU D 4 0.57 -31.34 9.20
N GLU D 5 0.62 -32.46 9.92
CA GLU D 5 1.51 -32.59 11.06
C GLU D 5 2.91 -32.20 10.63
N GLN D 6 3.28 -32.55 9.40
CA GLN D 6 4.59 -32.24 8.86
C GLN D 6 4.80 -30.73 8.82
N LEU D 7 3.84 -30.03 8.21
CA LEU D 7 3.92 -28.58 8.11
C LEU D 7 3.93 -27.97 9.51
N GLU D 8 3.05 -28.46 10.38
CA GLU D 8 2.98 -27.97 11.75
C GLU D 8 4.35 -28.10 12.39
N LYS D 9 5.07 -29.16 12.03
CA LYS D 9 6.39 -29.39 12.57
C LYS D 9 7.40 -28.37 12.02
N LYS D 10 7.28 -28.03 10.74
CA LYS D 10 8.18 -27.05 10.11
C LYS D 10 7.88 -25.65 10.64
N LEU D 11 6.59 -25.41 10.92
CA LEU D 11 6.12 -24.14 11.46
C LEU D 11 6.45 -24.07 12.94
N GLY D 12 6.41 -25.22 13.61
CA GLY D 12 6.69 -25.25 15.02
C GLY D 12 5.45 -24.81 15.78
N TYR D 13 4.29 -25.16 15.24
CA TYR D 13 3.02 -24.80 15.86
C TYR D 13 1.93 -25.79 15.49
N THR D 14 1.24 -26.30 16.50
CA THR D 14 0.16 -27.24 16.29
C THR D 14 -1.18 -26.51 16.42
N PHE D 15 -1.99 -26.59 15.35
CA PHE D 15 -3.28 -25.93 15.35
C PHE D 15 -4.26 -26.64 16.26
N LYS D 16 -5.14 -25.86 16.87
CA LYS D 16 -6.18 -26.42 17.73
C LYS D 16 -7.28 -26.78 16.74
N ASP D 17 -7.46 -25.93 15.74
CA ASP D 17 -8.46 -26.11 14.70
C ASP D 17 -7.77 -26.40 13.35
N LYS D 18 -7.63 -27.68 13.02
CA LYS D 18 -6.97 -28.10 11.78
C LYS D 18 -7.68 -27.60 10.52
N SER D 19 -8.97 -27.31 10.62
CA SER D 19 -9.72 -26.83 9.47
C SER D 19 -9.26 -25.41 9.12
N LEU D 20 -8.81 -24.69 10.14
CA LEU D 20 -8.31 -23.34 9.94
C LEU D 20 -7.01 -23.40 9.16
N LEU D 21 -6.18 -24.39 9.46
CA LEU D 21 -4.91 -24.56 8.77
C LEU D 21 -5.09 -24.97 7.31
N GLU D 22 -6.05 -25.84 7.05
CA GLU D 22 -6.27 -26.28 5.67
C GLU D 22 -6.98 -25.22 4.85
N LYS D 23 -7.72 -24.35 5.53
CA LYS D 23 -8.42 -23.29 4.82
C LYS D 23 -7.31 -22.39 4.24
N ALA D 24 -6.32 -22.10 5.07
CA ALA D 24 -5.19 -21.26 4.65
C ALA D 24 -4.48 -21.87 3.46
N LEU D 25 -4.48 -23.21 3.41
CA LEU D 25 -3.83 -23.95 2.34
C LEU D 25 -4.70 -24.21 1.12
N THR D 26 -5.99 -23.89 1.22
CA THR D 26 -6.94 -24.15 0.14
C THR D 26 -7.31 -23.00 -0.79
N HIS D 27 -7.00 -23.20 -2.07
CA HIS D 27 -7.29 -22.22 -3.11
C HIS D 27 -8.78 -22.34 -3.50
N VAL D 28 -9.33 -21.23 -3.99
CA VAL D 28 -10.75 -21.20 -4.38
C VAL D 28 -11.15 -22.28 -5.40
N SER D 29 -10.21 -22.70 -6.23
CA SER D 29 -10.50 -23.73 -7.25
C SER D 29 -10.81 -25.08 -6.61
N TYR D 30 -10.24 -25.34 -5.44
CA TYR D 30 -10.46 -26.61 -4.74
C TYR D 30 -11.69 -26.55 -3.85
N SER D 31 -11.95 -25.38 -3.28
CA SER D 31 -13.10 -25.19 -2.42
C SER D 31 -13.56 -23.75 -2.51
N LYS D 32 -14.70 -23.54 -3.15
CA LYS D 32 -15.26 -22.22 -3.32
C LYS D 32 -15.90 -21.67 -2.06
N LYS D 33 -16.07 -22.53 -1.05
CA LYS D 33 -16.68 -22.07 0.19
C LYS D 33 -15.70 -21.88 1.33
N GLU D 34 -14.60 -22.63 1.30
CA GLU D 34 -13.59 -22.52 2.36
C GLU D 34 -12.19 -22.36 1.79
N HIS D 35 -11.85 -21.15 1.37
CA HIS D 35 -10.51 -20.90 0.83
C HIS D 35 -9.81 -19.76 1.53
N TYR D 36 -8.52 -19.64 1.25
CA TYR D 36 -7.66 -18.67 1.96
C TYR D 36 -7.79 -17.16 1.63
N GLU D 37 -8.59 -16.77 0.64
CA GLU D 37 -8.69 -15.36 0.28
C GLU D 37 -8.79 -14.36 1.43
N THR D 38 -9.77 -14.53 2.31
CA THR D 38 -9.92 -13.58 3.41
C THR D 38 -8.78 -13.63 4.42
N LEU D 39 -8.21 -14.82 4.61
CA LEU D 39 -7.10 -14.98 5.54
C LEU D 39 -5.88 -14.27 4.94
N GLU D 40 -5.78 -14.30 3.62
CA GLU D 40 -4.68 -13.64 2.93
C GLU D 40 -4.76 -12.14 3.20
N PHE D 41 -5.95 -11.58 3.11
CA PHE D 41 -6.15 -10.16 3.38
C PHE D 41 -5.59 -9.85 4.77
N LEU D 42 -5.94 -10.66 5.77
CA LEU D 42 -5.44 -10.45 7.13
C LEU D 42 -3.93 -10.70 7.29
N GLY D 43 -3.44 -11.79 6.71
CA GLY D 43 -2.02 -12.10 6.83
C GLY D 43 -1.13 -11.04 6.24
N ASN D 44 -1.57 -10.42 5.15
CA ASN D 44 -0.81 -9.36 4.51
C ASN D 44 -0.57 -8.21 5.52
N ALA D 45 -1.64 -7.80 6.21
CA ALA D 45 -1.52 -6.74 7.19
C ALA D 45 -0.59 -7.21 8.30
N LEU D 46 -0.88 -8.40 8.81
CA LEU D 46 -0.09 -8.98 9.89
C LEU D 46 1.40 -9.07 9.56
N VAL D 47 1.74 -9.71 8.44
CA VAL D 47 3.14 -9.86 8.05
C VAL D 47 3.75 -8.50 7.74
N ASN D 48 2.97 -7.59 7.16
CA ASN D 48 3.49 -6.27 6.85
C ASN D 48 4.00 -5.64 8.14
N PHE D 49 3.23 -5.80 9.21
CA PHE D 49 3.60 -5.27 10.53
C PHE D 49 4.89 -5.89 11.10
N PHE D 50 5.02 -7.21 11.05
CA PHE D 50 6.22 -7.88 11.59
C PHE D 50 7.50 -7.39 10.89
N ILE D 51 7.40 -7.22 9.57
CA ILE D 51 8.54 -6.81 8.77
C ILE D 51 8.91 -5.35 9.00
N VAL D 52 7.93 -4.46 9.03
CA VAL D 52 8.22 -3.05 9.27
C VAL D 52 8.90 -2.90 10.63
N ASP D 53 8.36 -3.60 11.62
CA ASP D 53 8.90 -3.53 12.97
C ASP D 53 10.39 -3.87 12.99
N LEU D 54 10.78 -4.89 12.23
CA LEU D 54 12.18 -5.27 12.16
C LEU D 54 12.96 -4.21 11.40
N LEU D 55 12.39 -3.78 10.29
CA LEU D 55 13.02 -2.77 9.44
C LEU D 55 13.37 -1.51 10.23
N VAL D 56 12.42 -1.02 11.01
CA VAL D 56 12.62 0.17 11.82
C VAL D 56 13.69 0.00 12.89
N GLN D 57 13.84 -1.23 13.41
CA GLN D 57 14.84 -1.47 14.45
C GLN D 57 16.26 -1.68 13.93
N TYR D 58 16.40 -2.48 12.86
CA TYR D 58 17.71 -2.81 12.35
C TYR D 58 18.23 -2.14 11.08
N SER D 59 17.38 -1.39 10.38
CA SER D 59 17.85 -0.75 9.15
C SER D 59 18.97 0.24 9.39
N PRO D 60 20.03 0.18 8.57
CA PRO D 60 21.15 1.10 8.72
C PRO D 60 20.73 2.53 8.34
N ASN D 61 19.99 2.63 7.26
CA ASN D 61 19.51 3.91 6.75
C ASN D 61 18.02 4.05 7.05
N LYS D 62 17.64 5.11 7.77
CA LYS D 62 16.23 5.30 8.09
C LYS D 62 15.53 6.40 7.29
N ARG D 63 16.14 6.78 6.17
CA ARG D 63 15.57 7.79 5.28
C ARG D 63 14.40 7.14 4.53
N GLU D 64 13.30 7.88 4.35
CA GLU D 64 12.11 7.37 3.67
C GLU D 64 12.41 6.79 2.30
N GLY D 65 13.29 7.45 1.56
CA GLY D 65 13.64 7.00 0.21
C GLY D 65 14.38 5.67 0.19
N PHE D 66 14.81 5.21 1.35
CA PHE D 66 15.52 3.94 1.46
C PHE D 66 14.57 2.90 2.06
N LEU D 67 13.94 3.27 3.17
CA LEU D 67 13.01 2.39 3.87
C LEU D 67 11.81 1.96 3.03
N SER D 68 11.19 2.88 2.29
CA SER D 68 10.03 2.53 1.49
C SER D 68 10.33 1.53 0.37
N PRO D 69 11.37 1.77 -0.43
CA PRO D 69 11.63 0.81 -1.50
C PRO D 69 12.05 -0.56 -0.93
N LEU D 70 12.83 -0.54 0.15
CA LEU D 70 13.26 -1.78 0.75
C LEU D 70 12.07 -2.54 1.35
N LYS D 71 11.17 -1.84 2.03
CA LYS D 71 10.01 -2.51 2.62
C LYS D 71 9.19 -3.18 1.53
N ALA D 72 9.00 -2.48 0.41
CA ALA D 72 8.23 -3.02 -0.70
C ALA D 72 8.81 -4.35 -1.14
N TYR D 73 10.14 -4.46 -1.17
CA TYR D 73 10.76 -5.72 -1.56
C TYR D 73 10.56 -6.78 -0.47
N LEU D 74 10.73 -6.38 0.79
CA LEU D 74 10.60 -7.32 1.89
C LEU D 74 9.17 -7.87 2.11
N ILE D 75 8.19 -7.38 1.34
CA ILE D 75 6.83 -7.90 1.45
C ILE D 75 6.38 -8.24 0.04
N SER D 76 7.35 -8.38 -0.85
CA SER D 76 7.07 -8.73 -2.23
C SER D 76 6.85 -10.24 -2.34
N GLU D 77 6.12 -10.63 -3.39
CA GLU D 77 5.85 -12.03 -3.64
C GLU D 77 7.19 -12.77 -3.64
N GLU D 78 8.14 -12.18 -4.35
CA GLU D 78 9.48 -12.72 -4.48
C GLU D 78 10.07 -13.13 -3.13
N PHE D 79 10.17 -12.16 -2.22
CA PHE D 79 10.74 -12.43 -0.91
C PHE D 79 9.96 -13.46 -0.11
N PHE D 80 8.64 -13.42 -0.22
CA PHE D 80 7.80 -14.36 0.50
C PHE D 80 8.06 -15.77 0.01
N ASN D 81 8.19 -15.93 -1.30
CA ASN D 81 8.48 -17.24 -1.86
C ASN D 81 9.85 -17.68 -1.34
N LEU D 82 10.75 -16.72 -1.23
CA LEU D 82 12.09 -16.99 -0.71
C LEU D 82 11.99 -17.51 0.73
N LEU D 83 11.15 -16.88 1.55
CA LEU D 83 10.98 -17.29 2.93
C LEU D 83 10.18 -18.60 3.06
N ALA D 84 9.29 -18.84 2.10
CA ALA D 84 8.44 -20.03 2.13
C ALA D 84 9.15 -21.35 1.81
N GLN D 85 10.27 -21.28 1.09
CA GLN D 85 11.00 -22.50 0.73
C GLN D 85 11.14 -23.45 1.91
N LYS D 86 11.61 -22.90 3.01
CA LYS D 86 11.82 -23.60 4.26
C LYS D 86 10.58 -24.42 4.67
N LEU D 87 9.40 -23.93 4.30
CA LEU D 87 8.14 -24.59 4.68
C LEU D 87 7.63 -25.62 3.68
N GLU D 88 8.12 -25.58 2.45
CA GLU D 88 7.70 -26.52 1.39
C GLU D 88 6.19 -26.50 1.18
N LEU D 89 5.60 -25.31 1.18
CA LEU D 89 4.16 -25.17 1.00
C LEU D 89 3.60 -25.91 -0.20
N HIS D 90 4.36 -25.91 -1.29
CA HIS D 90 3.96 -26.55 -2.53
C HIS D 90 3.36 -27.94 -2.34
N LYS D 91 3.72 -28.62 -1.25
CA LYS D 91 3.18 -29.96 -1.05
C LYS D 91 2.12 -30.07 0.04
N PHE D 92 1.49 -28.94 0.35
CA PHE D 92 0.43 -28.90 1.35
C PHE D 92 -0.75 -28.15 0.77
N ILE D 93 -0.46 -27.33 -0.24
CA ILE D 93 -1.45 -26.50 -0.91
C ILE D 93 -2.47 -27.29 -1.74
N ARG D 94 -3.75 -26.95 -1.57
CA ARG D 94 -4.81 -27.63 -2.29
C ARG D 94 -5.40 -26.76 -3.40
N ILE D 95 -5.24 -27.19 -4.63
CA ILE D 95 -5.75 -26.44 -5.77
C ILE D 95 -6.22 -27.42 -6.86
N LYS D 96 -7.05 -26.94 -7.79
CA LYS D 96 -7.57 -27.78 -8.87
C LYS D 96 -7.27 -27.19 -10.24
N ARG D 97 -7.97 -26.11 -10.57
CA ARG D 97 -7.79 -25.45 -11.85
C ARG D 97 -6.60 -24.50 -11.83
N GLY D 98 -5.39 -25.07 -11.77
CA GLY D 98 -4.19 -24.25 -11.75
C GLY D 98 -2.95 -24.96 -11.23
N LYS D 99 -1.82 -24.26 -11.32
CA LYS D 99 -0.54 -24.79 -10.86
C LYS D 99 -0.03 -23.93 -9.72
N ILE D 100 0.59 -24.56 -8.73
CA ILE D 100 1.11 -23.84 -7.58
C ILE D 100 2.26 -22.91 -7.93
N ASN D 101 1.95 -21.77 -8.55
CA ASN D 101 2.99 -20.81 -8.92
C ASN D 101 3.42 -19.96 -7.73
N GLU D 102 4.23 -18.94 -8.00
CA GLU D 102 4.72 -18.09 -6.93
C GLU D 102 3.68 -17.13 -6.37
N THR D 103 2.62 -16.87 -7.12
CA THR D 103 1.58 -15.99 -6.61
C THR D 103 0.80 -16.76 -5.54
N ILE D 104 0.45 -18.00 -5.85
CA ILE D 104 -0.29 -18.85 -4.92
C ILE D 104 0.51 -19.05 -3.64
N ILE D 105 1.79 -19.35 -3.80
CA ILE D 105 2.67 -19.58 -2.66
C ILE D 105 2.75 -18.39 -1.73
N GLY D 106 2.92 -17.20 -2.31
CA GLY D 106 2.99 -16.00 -1.51
C GLY D 106 1.69 -15.74 -0.76
N ASP D 107 0.55 -15.93 -1.42
CA ASP D 107 -0.72 -15.70 -0.76
C ASP D 107 -0.98 -16.73 0.33
N VAL D 108 -0.58 -17.97 0.10
CA VAL D 108 -0.78 -19.02 1.10
C VAL D 108 0.14 -18.72 2.26
N PHE D 109 1.29 -18.15 1.96
CA PHE D 109 2.23 -17.80 3.02
C PHE D 109 1.58 -16.76 3.93
N GLU D 110 0.95 -15.76 3.33
CA GLU D 110 0.27 -14.71 4.08
C GLU D 110 -0.92 -15.24 4.87
N ALA D 111 -1.77 -16.03 4.20
CA ALA D 111 -2.95 -16.59 4.85
C ALA D 111 -2.56 -17.53 5.99
N LEU D 112 -1.44 -18.21 5.80
CA LEU D 112 -0.94 -19.16 6.79
C LEU D 112 -0.61 -18.42 8.08
N TRP D 113 -0.08 -17.21 7.96
CA TRP D 113 0.25 -16.45 9.17
C TRP D 113 -1.00 -15.91 9.83
N ALA D 114 -2.03 -15.60 9.05
CA ALA D 114 -3.29 -15.12 9.60
C ALA D 114 -3.95 -16.27 10.38
N ALA D 115 -3.85 -17.48 9.84
CA ALA D 115 -4.42 -18.67 10.47
C ALA D 115 -3.81 -18.91 11.85
N VAL D 116 -2.48 -18.87 11.92
CA VAL D 116 -1.79 -19.07 13.18
C VAL D 116 -2.27 -18.00 14.17
N TYR D 117 -2.28 -16.76 13.73
CA TYR D 117 -2.72 -15.66 14.58
C TYR D 117 -4.09 -15.97 15.18
N ILE D 118 -5.04 -16.29 14.31
CA ILE D 118 -6.39 -16.60 14.76
C ILE D 118 -6.49 -17.85 15.66
N ASP D 119 -5.84 -18.92 15.23
CA ASP D 119 -5.87 -20.18 15.97
C ASP D 119 -5.32 -20.02 17.39
N SER D 120 -4.36 -19.12 17.55
CA SER D 120 -3.75 -18.89 18.85
C SER D 120 -4.58 -17.94 19.71
N GLY D 121 -5.82 -17.68 19.29
CA GLY D 121 -6.68 -16.78 20.05
C GLY D 121 -6.32 -15.33 19.78
N ARG D 122 -5.93 -15.06 18.53
CA ARG D 122 -5.52 -13.73 18.11
C ARG D 122 -4.43 -13.19 19.01
N ASP D 123 -3.34 -13.95 19.14
CA ASP D 123 -2.21 -13.53 19.96
C ASP D 123 -1.08 -13.02 19.05
N ALA D 124 -1.12 -11.72 18.76
CA ALA D 124 -0.13 -11.08 17.90
C ALA D 124 1.30 -11.24 18.40
N ASN D 125 1.51 -11.05 19.69
CA ASN D 125 2.84 -11.19 20.26
C ASN D 125 3.41 -12.58 20.00
N PHE D 126 2.60 -13.60 20.28
CA PHE D 126 3.02 -14.97 20.07
C PHE D 126 3.36 -15.21 18.59
N THR D 127 2.44 -14.82 17.71
CA THR D 127 2.62 -15.01 16.27
C THR D 127 3.86 -14.30 15.74
N ARG D 128 4.07 -13.07 16.20
CA ARG D 128 5.25 -12.32 15.77
C ARG D 128 6.52 -13.07 16.13
N GLU D 129 6.57 -13.61 17.35
CA GLU D 129 7.75 -14.34 17.80
C GLU D 129 7.96 -15.62 17.00
N LEU D 130 6.89 -16.35 16.77
CA LEU D 130 6.98 -17.57 15.99
C LEU D 130 7.57 -17.19 14.62
N PHE D 131 7.05 -16.11 14.05
CA PHE D 131 7.49 -15.62 12.74
C PHE D 131 8.97 -15.24 12.78
N TYR D 132 9.40 -14.61 13.87
CA TYR D 132 10.81 -14.21 14.00
C TYR D 132 11.68 -15.44 14.22
N LYS D 133 11.18 -16.41 14.98
CA LYS D 133 11.98 -17.60 15.25
C LYS D 133 12.28 -18.30 13.95
N LEU D 134 11.40 -18.16 12.97
CA LEU D 134 11.59 -18.78 11.67
C LEU D 134 12.29 -17.91 10.63
N PHE D 135 11.99 -16.61 10.60
CA PHE D 135 12.58 -15.75 9.58
C PHE D 135 13.33 -14.48 10.00
N LYS D 136 13.43 -14.19 11.29
CA LYS D 136 14.10 -12.96 11.70
C LYS D 136 15.47 -12.77 11.07
N GLU D 137 16.33 -13.77 11.25
CA GLU D 137 17.68 -13.75 10.70
C GLU D 137 17.67 -13.55 9.19
N ASP D 138 16.77 -14.23 8.50
CA ASP D 138 16.71 -14.10 7.05
C ASP D 138 16.34 -12.68 6.64
N ILE D 139 15.50 -12.02 7.45
CA ILE D 139 15.08 -10.67 7.15
C ILE D 139 16.20 -9.69 7.49
N LEU D 140 16.78 -9.81 8.69
CA LEU D 140 17.88 -8.93 9.09
C LEU D 140 19.00 -9.08 8.08
N SER D 141 19.18 -10.28 7.55
CA SER D 141 20.21 -10.50 6.58
C SER D 141 19.95 -9.64 5.35
N ALA D 142 18.74 -9.73 4.81
CA ALA D 142 18.36 -8.97 3.62
C ALA D 142 18.36 -7.47 3.88
N ILE D 143 18.07 -7.05 5.10
CA ILE D 143 18.05 -5.63 5.45
C ILE D 143 19.46 -5.07 5.46
N LYS D 144 20.41 -5.88 5.95
CA LYS D 144 21.80 -5.47 6.01
C LYS D 144 22.35 -5.29 4.60
N GLU D 145 22.00 -6.21 3.70
CA GLU D 145 22.46 -6.14 2.33
C GLU D 145 21.44 -5.41 1.48
N GLY D 146 20.63 -4.57 2.13
CA GLY D 146 19.61 -3.82 1.42
C GLY D 146 20.18 -2.78 0.51
N ARG D 147 19.62 -2.68 -0.69
CA ARG D 147 20.08 -1.72 -1.68
C ARG D 147 18.96 -1.26 -2.61
N VAL D 148 18.58 0.01 -2.51
CA VAL D 148 17.54 0.54 -3.37
C VAL D 148 18.13 0.72 -4.77
N LYS D 149 17.39 0.29 -5.78
CA LYS D 149 17.87 0.43 -7.15
C LYS D 149 16.78 1.02 -8.03
N LYS D 150 17.09 2.14 -8.67
CA LYS D 150 16.13 2.81 -9.52
C LYS D 150 16.00 2.15 -10.89
N ASP D 151 14.81 2.26 -11.47
CA ASP D 151 14.55 1.71 -12.79
C ASP D 151 15.00 2.77 -13.78
N TYR D 152 15.26 2.34 -15.02
CA TYR D 152 15.71 3.21 -16.08
C TYR D 152 14.80 4.40 -16.38
N LYS D 153 13.49 4.18 -16.46
CA LYS D 153 12.59 5.29 -16.74
C LYS D 153 12.74 6.39 -15.68
N THR D 154 12.94 6.00 -14.42
CA THR D 154 13.12 6.96 -13.36
C THR D 154 14.47 7.66 -13.51
N ILE D 155 15.53 6.87 -13.69
CA ILE D 155 16.87 7.40 -13.86
C ILE D 155 16.93 8.40 -15.01
N LEU D 156 16.36 8.03 -16.15
CA LEU D 156 16.36 8.90 -17.32
C LEU D 156 15.74 10.27 -17.08
N GLN D 157 14.53 10.30 -16.54
CA GLN D 157 13.88 11.60 -16.32
C GLN D 157 14.60 12.48 -15.30
N GLU D 158 15.35 11.87 -14.40
CA GLU D 158 16.08 12.64 -13.41
C GLU D 158 17.33 13.24 -14.05
N ILE D 159 17.82 12.57 -15.08
CA ILE D 159 18.97 13.07 -15.82
C ILE D 159 18.49 14.25 -16.66
N THR D 160 17.44 14.02 -17.45
CA THR D 160 16.89 15.05 -18.32
C THR D 160 16.28 16.22 -17.58
N GLN D 161 15.79 16.00 -16.36
CA GLN D 161 15.21 17.10 -15.60
C GLN D 161 16.32 17.93 -14.97
N LYS D 162 17.50 17.31 -14.85
CA LYS D 162 18.64 17.98 -14.27
C LYS D 162 19.35 18.81 -15.35
N ARG D 163 19.55 18.19 -16.51
CA ARG D 163 20.22 18.84 -17.63
C ARG D 163 19.39 19.89 -18.34
N TRP D 164 18.22 19.49 -18.85
CA TRP D 164 17.37 20.43 -19.57
C TRP D 164 16.08 20.76 -18.84
N LYS D 165 15.92 20.25 -17.62
CA LYS D 165 14.69 20.50 -16.88
C LYS D 165 13.46 20.13 -17.71
N GLU D 166 13.53 18.97 -18.35
CA GLU D 166 12.44 18.47 -19.18
C GLU D 166 12.34 16.96 -19.00
N ARG D 167 11.24 16.37 -19.48
CA ARG D 167 11.02 14.94 -19.36
C ARG D 167 10.95 14.27 -20.74
N PRO D 168 11.58 13.09 -20.88
CA PRO D 168 11.59 12.36 -22.15
C PRO D 168 10.19 12.00 -22.63
N GLU D 169 10.02 11.98 -23.95
CA GLU D 169 8.75 11.65 -24.57
C GLU D 169 8.76 10.20 -25.05
N TYR D 170 7.80 9.43 -24.58
CA TYR D 170 7.69 8.03 -24.97
C TYR D 170 6.61 7.88 -26.02
N ARG D 171 6.99 7.36 -27.17
CA ARG D 171 6.05 7.18 -28.26
C ARG D 171 5.90 5.73 -28.67
N LEU D 172 4.66 5.26 -28.75
CA LEU D 172 4.42 3.88 -29.15
C LEU D 172 4.63 3.80 -30.65
N ILE D 173 5.50 2.88 -31.08
CA ILE D 173 5.80 2.73 -32.49
C ILE D 173 5.02 1.59 -33.13
N SER D 174 5.18 0.38 -32.59
CA SER D 174 4.51 -0.79 -33.14
C SER D 174 3.87 -1.67 -32.08
N VAL D 175 3.01 -2.58 -32.53
CA VAL D 175 2.31 -3.53 -31.66
C VAL D 175 2.00 -4.75 -32.51
N GLU D 176 2.77 -5.82 -32.34
CA GLU D 176 2.58 -7.03 -33.12
C GLU D 176 2.26 -8.23 -32.23
N GLY D 177 1.92 -9.34 -32.88
CA GLY D 177 1.62 -10.56 -32.16
C GLY D 177 0.17 -10.77 -31.81
N PRO D 178 -0.19 -11.97 -31.32
CA PRO D 178 -1.56 -12.30 -30.93
C PRO D 178 -1.87 -11.51 -29.66
N HIS D 179 -3.15 -11.33 -29.36
CA HIS D 179 -3.55 -10.59 -28.17
C HIS D 179 -2.98 -11.12 -26.85
N HIS D 180 -2.86 -12.44 -26.74
CA HIS D 180 -2.35 -13.04 -25.51
C HIS D 180 -0.83 -13.00 -25.41
N LYS D 181 -0.17 -12.50 -26.45
CA LYS D 181 1.28 -12.37 -26.43
C LYS D 181 1.70 -11.32 -27.45
N LYS D 182 1.48 -10.06 -27.07
CA LYS D 182 1.80 -8.92 -27.91
C LYS D 182 3.27 -8.54 -27.80
N LYS D 183 3.75 -7.81 -28.79
CA LYS D 183 5.12 -7.33 -28.82
C LYS D 183 5.03 -5.83 -29.04
N PHE D 184 5.56 -5.06 -28.10
CA PHE D 184 5.50 -3.61 -28.18
C PHE D 184 6.84 -2.96 -28.51
N ILE D 185 6.80 -2.01 -29.44
CA ILE D 185 8.00 -1.27 -29.82
C ILE D 185 7.72 0.20 -29.54
N VAL D 186 8.50 0.77 -28.64
CA VAL D 186 8.32 2.17 -28.26
C VAL D 186 9.57 3.00 -28.54
N GLU D 187 9.37 4.30 -28.70
CA GLU D 187 10.46 5.22 -28.95
C GLU D 187 10.59 6.23 -27.81
N ALA D 188 11.81 6.41 -27.33
CA ALA D 188 12.09 7.36 -26.27
C ALA D 188 12.81 8.53 -26.93
N LYS D 189 12.37 9.75 -26.61
CA LYS D 189 12.97 10.94 -27.20
C LYS D 189 13.13 12.13 -26.25
N ILE D 190 14.30 12.75 -26.30
CA ILE D 190 14.59 13.92 -25.49
C ILE D 190 15.40 14.87 -26.38
N LYS D 191 14.93 16.12 -26.49
CA LYS D 191 15.58 17.10 -27.35
C LYS D 191 15.52 16.54 -28.76
N GLU D 192 16.67 16.09 -29.27
CA GLU D 192 16.72 15.51 -30.60
C GLU D 192 17.20 14.07 -30.55
N TYR D 193 17.41 13.56 -29.34
CA TYR D 193 17.86 12.19 -29.16
C TYR D 193 16.65 11.27 -29.14
N ARG D 194 16.79 10.09 -29.75
CA ARG D 194 15.70 9.14 -29.82
C ARG D 194 16.23 7.70 -29.88
N THR D 195 15.67 6.84 -29.04
CA THR D 195 16.09 5.44 -29.04
C THR D 195 14.83 4.57 -29.15
N LEU D 196 15.03 3.28 -29.37
CA LEU D 196 13.92 2.36 -29.50
C LEU D 196 13.99 1.33 -28.40
N GLY D 197 12.87 0.63 -28.20
CA GLY D 197 12.82 -0.40 -27.19
C GLY D 197 11.61 -1.28 -27.40
N GLU D 198 11.76 -2.57 -27.14
CA GLU D 198 10.64 -3.48 -27.29
C GLU D 198 10.51 -4.37 -26.07
N GLY D 199 9.31 -4.89 -25.86
CA GLY D 199 9.03 -5.77 -24.74
C GLY D 199 7.63 -6.32 -24.84
N LYS D 200 7.24 -7.12 -23.84
CA LYS D 200 5.91 -7.72 -23.84
C LYS D 200 4.83 -6.78 -23.29
N SER D 201 5.24 -5.59 -22.84
CA SER D 201 4.30 -4.60 -22.32
C SER D 201 4.84 -3.22 -22.69
N LYS D 202 3.97 -2.22 -22.65
CA LYS D 202 4.39 -0.86 -22.98
C LYS D 202 5.53 -0.45 -22.07
N LYS D 203 5.31 -0.61 -20.76
CA LYS D 203 6.32 -0.25 -19.78
C LYS D 203 7.65 -0.98 -20.03
N GLU D 204 7.60 -2.30 -20.22
CA GLU D 204 8.85 -3.02 -20.48
C GLU D 204 9.56 -2.39 -21.68
N ALA D 205 8.80 -2.13 -22.75
CA ALA D 205 9.38 -1.53 -23.94
C ALA D 205 9.97 -0.16 -23.65
N GLU D 206 9.25 0.66 -22.87
CA GLU D 206 9.69 2.00 -22.53
C GLU D 206 10.92 1.93 -21.63
N GLN D 207 10.98 0.92 -20.76
CA GLN D 207 12.12 0.73 -19.88
C GLN D 207 13.36 0.42 -20.72
N ARG D 208 13.20 -0.42 -21.74
CA ARG D 208 14.29 -0.76 -22.64
C ARG D 208 14.70 0.51 -23.37
N ALA D 209 13.72 1.19 -23.95
CA ALA D 209 13.99 2.43 -24.68
C ALA D 209 14.77 3.41 -23.81
N ALA D 210 14.32 3.61 -22.57
CA ALA D 210 14.97 4.53 -21.65
C ALA D 210 16.40 4.11 -21.35
N GLU D 211 16.61 2.81 -21.18
CA GLU D 211 17.94 2.29 -20.88
C GLU D 211 18.91 2.65 -22.02
N GLU D 212 18.37 2.75 -23.23
CA GLU D 212 19.17 3.09 -24.40
C GLU D 212 19.45 4.58 -24.45
N LEU D 213 18.43 5.40 -24.23
CA LEU D 213 18.59 6.85 -24.28
C LEU D 213 19.58 7.34 -23.23
N ILE D 214 19.76 6.56 -22.16
CA ILE D 214 20.70 6.92 -21.11
C ILE D 214 22.10 6.67 -21.66
N LYS D 215 22.32 5.47 -22.18
CA LYS D 215 23.61 5.11 -22.76
C LYS D 215 23.89 6.07 -23.90
N LEU D 216 22.87 6.35 -24.71
CA LEU D 216 23.02 7.27 -25.82
C LEU D 216 23.54 8.62 -25.31
N LEU D 217 22.92 9.12 -24.25
CA LEU D 217 23.33 10.40 -23.69
C LEU D 217 24.73 10.38 -23.09
N GLU D 218 25.15 9.23 -22.58
CA GLU D 218 26.48 9.12 -21.99
C GLU D 218 27.54 9.45 -23.03
N GLU D 219 27.36 8.92 -24.25
CA GLU D 219 28.31 9.18 -25.33
C GLU D 219 28.25 10.67 -25.67
N SER D 220 27.22 11.33 -25.17
CA SER D 220 27.00 12.76 -25.38
C SER D 220 26.70 13.04 -26.85
MG MG E . 1.07 8.91 7.24
MG MG F . -1.03 -11.50 -1.67
#